data_8AAM
#
_entry.id   8AAM
#
_cell.length_a   46.670
_cell.length_b   61.710
_cell.length_c   51.010
_cell.angle_alpha   90.000
_cell.angle_beta   112.170
_cell.angle_gamma   90.000
#
_symmetry.space_group_name_H-M   'P 1 21 1'
#
loop_
_entity.id
_entity.type
_entity.pdbx_description
1 polymer 'Cell shape-determining protein MreB'
2 non-polymer "ADENOSINE-5'-DIPHOSPHATE"
3 water water
#
_entity_poly.entity_id   1
_entity_poly.type   'polypeptide(L)'
_entity_poly.pdbx_seq_one_letter_code
;MFGIGTKDLGIDLGTANTLVYVKGKGIVLREPSVVAIQRDTKQIVAVGNEAKNMIGRTPGNIVALRPMKDGVIADYETTA
TMMKYYIRKAIKTKGLFAGKPYVMVCVPYGITAVEERAVIDATRQAGARDAYTIEEPFAAAIGANLPVWEPTGSMVVDIG
GGTTEVAVISLGGIVTSQSIRIAGDEMDEAIIQYIRKSYNLMIGERTAEAIKMEIGSAGNPEGIGNMEIRGRDLLTGLPK
TIEISAEEVAEALRDTVYAIVESVKNTLEKTPPELAADIMDRGIVLTGGGALLRNLDKVISQETDMPVIVAENPLDCVAI
GTGKALDHIDLFKNKARDHR
;
_entity_poly.pdbx_strand_id   M
#
loop_
_chem_comp.id
_chem_comp.type
_chem_comp.name
_chem_comp.formula
ADP non-polymer ADENOSINE-5'-DIPHOSPHATE 'C10 H15 N5 O10 P2'
#
# COMPACT_ATOMS: atom_id res chain seq x y z
N LYS A 7 -19.85 -8.35 -15.36
CA LYS A 7 -19.71 -8.46 -13.91
C LYS A 7 -18.92 -7.29 -13.30
N ASP A 8 -19.43 -6.74 -12.19
CA ASP A 8 -18.77 -5.63 -11.50
C ASP A 8 -17.37 -5.99 -10.98
N LEU A 9 -16.45 -5.02 -11.06
CA LEU A 9 -15.07 -5.21 -10.64
C LEU A 9 -14.68 -4.23 -9.53
N GLY A 10 -13.72 -4.65 -8.72
CA GLY A 10 -13.05 -3.75 -7.80
C GLY A 10 -11.58 -3.80 -8.08
N ILE A 11 -10.91 -2.64 -8.13
CA ILE A 11 -9.52 -2.61 -8.56
C ILE A 11 -8.69 -1.82 -7.56
N ASP A 12 -7.57 -2.42 -7.13
CA ASP A 12 -6.65 -1.77 -6.21
C ASP A 12 -5.36 -1.50 -6.97
N LEU A 13 -5.21 -0.26 -7.45
CA LEU A 13 -4.01 0.10 -8.19
C LEU A 13 -2.91 0.46 -7.20
N GLY A 14 -2.28 -0.57 -6.63
CA GLY A 14 -1.25 -0.34 -5.63
C GLY A 14 -0.01 0.31 -6.23
N THR A 15 0.88 0.76 -5.35
CA THR A 15 2.11 1.42 -5.81
C THR A 15 2.98 0.46 -6.61
N ALA A 16 3.18 -0.75 -6.08
CA ALA A 16 3.94 -1.82 -6.71
C ALA A 16 3.05 -2.84 -7.41
N ASN A 17 1.97 -3.26 -6.76
CA ASN A 17 1.14 -4.35 -7.27
C ASN A 17 -0.29 -3.89 -7.47
N THR A 18 -0.91 -4.37 -8.55
CA THR A 18 -2.30 -4.07 -8.88
C THR A 18 -3.13 -5.34 -8.82
N LEU A 19 -4.29 -5.24 -8.17
CA LEU A 19 -5.16 -6.38 -7.93
C LEU A 19 -6.55 -6.04 -8.44
N VAL A 20 -7.15 -6.97 -9.16
CA VAL A 20 -8.50 -6.80 -9.67
C VAL A 20 -9.35 -7.91 -9.06
N TYR A 21 -10.42 -7.50 -8.38
CA TYR A 21 -11.42 -8.39 -7.80
C TYR A 21 -12.63 -8.40 -8.72
N VAL A 22 -13.16 -9.60 -8.99
CA VAL A 22 -14.41 -9.76 -9.73
C VAL A 22 -15.44 -10.37 -8.79
N LYS A 23 -16.58 -9.70 -8.66
CA LYS A 23 -17.73 -10.20 -7.91
C LYS A 23 -17.94 -11.68 -8.21
N GLY A 24 -17.84 -12.51 -7.19
CA GLY A 24 -17.96 -13.95 -7.37
C GLY A 24 -16.67 -14.70 -7.63
N LYS A 25 -15.84 -14.20 -8.55
CA LYS A 25 -14.60 -14.92 -8.81
C LYS A 25 -13.51 -14.56 -7.78
N GLY A 26 -13.57 -13.37 -7.18
CA GLY A 26 -12.53 -12.96 -6.25
C GLY A 26 -11.34 -12.33 -6.95
N ILE A 27 -10.15 -12.49 -6.36
CA ILE A 27 -8.93 -11.87 -6.91
C ILE A 27 -8.58 -12.58 -8.21
N VAL A 28 -8.93 -12.00 -9.34
CA VAL A 28 -8.66 -12.62 -10.63
C VAL A 28 -7.36 -12.17 -11.25
N LEU A 29 -6.82 -11.04 -10.83
CA LEU A 29 -5.66 -10.46 -11.51
C LEU A 29 -4.68 -9.89 -10.50
N ARG A 30 -3.40 -10.32 -10.61
CA ARG A 30 -2.31 -9.81 -9.78
C ARG A 30 -1.19 -9.41 -10.71
N GLU A 31 -0.96 -8.09 -10.83
CA GLU A 31 -0.04 -7.63 -11.83
C GLU A 31 0.68 -6.38 -11.37
N PRO A 32 1.96 -6.24 -11.72
CA PRO A 32 2.70 -5.05 -11.31
C PRO A 32 2.08 -3.77 -11.86
N SER A 33 2.09 -2.71 -11.03
CA SER A 33 1.64 -1.39 -11.43
C SER A 33 2.76 -0.70 -12.23
N VAL A 34 2.95 -1.17 -13.46
CA VAL A 34 4.04 -0.72 -14.31
C VAL A 34 3.51 -0.47 -15.72
N VAL A 35 4.09 0.53 -16.38
CA VAL A 35 3.82 0.85 -17.77
C VAL A 35 5.14 0.89 -18.51
N ALA A 36 5.09 0.60 -19.81
CA ALA A 36 6.22 0.72 -20.71
C ALA A 36 5.93 1.82 -21.72
N ILE A 37 6.85 2.76 -21.86
CA ILE A 37 6.63 3.94 -22.69
C ILE A 37 7.75 4.04 -23.72
N GLN A 38 7.39 4.24 -24.98
CA GLN A 38 8.36 4.58 -26.02
C GLN A 38 8.97 5.94 -25.70
N ARG A 39 10.29 5.97 -25.42
CA ARG A 39 10.95 7.25 -25.22
C ARG A 39 10.97 8.10 -26.47
N ASP A 40 10.64 7.54 -27.65
CA ASP A 40 10.58 8.37 -28.85
C ASP A 40 9.25 9.11 -28.95
N THR A 41 8.12 8.39 -28.87
CA THR A 41 6.81 9.02 -29.01
C THR A 41 6.15 9.34 -27.67
N LYS A 42 6.69 8.86 -26.54
CA LYS A 42 6.08 8.98 -25.21
C LYS A 42 4.64 8.48 -25.25
N GLN A 43 4.50 7.21 -25.64
CA GLN A 43 3.22 6.53 -25.65
C GLN A 43 3.35 5.23 -24.87
N ILE A 44 2.35 4.97 -24.02
CA ILE A 44 2.29 3.70 -23.30
C ILE A 44 2.08 2.59 -24.32
N VAL A 45 2.98 1.60 -24.33
CA VAL A 45 2.91 0.51 -25.29
C VAL A 45 2.64 -0.82 -24.61
N ALA A 46 2.58 -0.86 -23.28
CA ALA A 46 2.30 -2.07 -22.52
C ALA A 46 2.06 -1.69 -21.06
N VAL A 47 1.25 -2.50 -20.37
CA VAL A 47 0.85 -2.27 -19.00
C VAL A 47 0.88 -3.59 -18.23
N GLY A 48 1.37 -3.54 -17.00
CA GLY A 48 1.30 -4.72 -16.14
C GLY A 48 2.21 -5.81 -16.64
N ASN A 49 1.66 -7.02 -16.77
CA ASN A 49 2.48 -8.16 -17.20
C ASN A 49 2.99 -7.96 -18.62
N GLU A 50 2.20 -7.32 -19.50
CA GLU A 50 2.68 -7.01 -20.85
C GLU A 50 3.86 -6.04 -20.81
N ALA A 51 3.78 -5.02 -19.96
CA ALA A 51 4.95 -4.17 -19.72
C ALA A 51 6.11 -5.00 -19.21
N LYS A 52 5.84 -5.88 -18.25
CA LYS A 52 6.90 -6.70 -17.66
C LYS A 52 7.62 -7.53 -18.73
N ASN A 53 6.86 -8.24 -19.56
CA ASN A 53 7.47 -9.10 -20.58
C ASN A 53 8.21 -8.26 -21.62
N MET A 54 7.56 -7.17 -22.08
CA MET A 54 8.20 -6.27 -23.04
C MET A 54 9.56 -5.77 -22.55
N ILE A 55 9.63 -5.25 -21.32
CA ILE A 55 10.92 -4.87 -20.76
C ILE A 55 11.86 -6.06 -20.75
N GLY A 56 11.35 -7.26 -20.44
CA GLY A 56 12.19 -8.44 -20.32
C GLY A 56 12.75 -8.97 -21.62
N ARG A 57 12.13 -8.63 -22.75
CA ARG A 57 12.65 -8.94 -24.07
C ARG A 57 13.61 -7.88 -24.60
N THR A 58 13.85 -6.80 -23.83
CA THR A 58 14.70 -5.65 -24.17
C THR A 58 14.39 -5.10 -25.56
N PRO A 59 13.39 -4.24 -25.66
CA PRO A 59 13.01 -3.69 -26.97
C PRO A 59 13.88 -2.52 -27.41
N GLY A 60 14.43 -1.77 -26.47
CA GLY A 60 15.06 -0.50 -26.80
C GLY A 60 14.00 0.54 -27.11
N ASN A 61 14.30 1.82 -26.88
CA ASN A 61 13.34 2.91 -27.05
C ASN A 61 12.15 2.81 -26.09
N ILE A 62 12.26 2.00 -25.04
CA ILE A 62 11.19 1.80 -24.07
C ILE A 62 11.70 2.17 -22.69
N VAL A 63 10.86 2.83 -21.90
CA VAL A 63 11.14 3.19 -20.52
C VAL A 63 10.08 2.56 -19.62
N ALA A 64 10.51 2.02 -18.49
CA ALA A 64 9.62 1.44 -17.51
C ALA A 64 9.37 2.46 -16.40
N LEU A 65 8.10 2.75 -16.15
CA LEU A 65 7.67 3.68 -15.12
C LEU A 65 6.72 2.99 -14.16
N ARG A 66 6.70 3.48 -12.92
CA ARG A 66 5.77 3.09 -11.87
C ARG A 66 5.07 4.37 -11.43
N PRO A 67 3.91 4.69 -12.03
CA PRO A 67 3.25 5.96 -11.72
C PRO A 67 2.62 5.97 -10.35
N MET A 68 2.14 4.82 -9.89
CA MET A 68 1.29 4.73 -8.71
C MET A 68 2.00 5.18 -7.43
N LYS A 69 3.31 5.45 -7.51
CA LYS A 69 4.07 6.01 -6.41
C LYS A 69 3.46 7.34 -5.95
N ALA A 74 0.08 11.89 -11.43
CA ALA A 74 -1.22 11.30 -11.69
C ALA A 74 -1.81 11.86 -12.99
N ASP A 75 -1.12 11.61 -14.10
CA ASP A 75 -1.66 11.95 -15.42
C ASP A 75 -2.98 11.22 -15.66
N TYR A 76 -3.97 11.95 -16.18
CA TYR A 76 -5.28 11.37 -16.45
C TYR A 76 -5.21 10.28 -17.53
N GLU A 77 -4.34 10.45 -18.54
CA GLU A 77 -4.32 9.51 -19.65
C GLU A 77 -3.60 8.22 -19.27
N THR A 78 -2.57 8.32 -18.43
CA THR A 78 -1.92 7.13 -17.90
C THR A 78 -2.92 6.28 -17.15
N THR A 79 -3.60 6.88 -16.17
CA THR A 79 -4.65 6.19 -15.42
C THR A 79 -5.64 5.52 -16.38
N ALA A 80 -6.17 6.28 -17.33
CA ALA A 80 -7.12 5.73 -18.28
C ALA A 80 -6.54 4.53 -19.03
N THR A 81 -5.33 4.67 -19.54
CA THR A 81 -4.71 3.57 -20.28
C THR A 81 -4.55 2.36 -19.38
N MET A 82 -3.93 2.55 -18.21
CA MET A 82 -3.76 1.45 -17.28
C MET A 82 -5.08 0.79 -16.92
N MET A 83 -6.07 1.61 -16.56
CA MET A 83 -7.41 1.12 -16.26
C MET A 83 -7.96 0.27 -17.41
N LYS A 84 -7.89 0.77 -18.64
CA LYS A 84 -8.39 0.02 -19.79
C LYS A 84 -7.75 -1.37 -19.88
N TYR A 85 -6.46 -1.47 -19.52
CA TYR A 85 -5.77 -2.76 -19.63
C TYR A 85 -6.24 -3.74 -18.54
N TYR A 86 -6.19 -3.33 -17.26
CA TYR A 86 -6.60 -4.22 -16.18
C TYR A 86 -8.06 -4.64 -16.32
N ILE A 87 -8.91 -3.72 -16.77
CA ILE A 87 -10.34 -4.05 -16.86
C ILE A 87 -10.59 -5.08 -17.96
N ARG A 88 -10.09 -4.83 -19.17
CA ARG A 88 -10.25 -5.81 -20.25
C ARG A 88 -9.58 -7.14 -19.91
N LYS A 89 -8.38 -7.09 -19.30
CA LYS A 89 -7.71 -8.34 -18.94
C LYS A 89 -8.53 -9.16 -17.95
N ALA A 90 -9.20 -8.51 -16.98
CA ALA A 90 -9.98 -9.26 -15.99
C ALA A 90 -11.20 -9.93 -16.61
N ILE A 91 -11.91 -9.23 -17.50
CA ILE A 91 -13.05 -9.77 -18.26
C ILE A 91 -12.81 -11.17 -18.84
N LEU A 96 -14.65 -13.89 -19.61
CA LEU A 96 -15.92 -13.99 -20.32
C LEU A 96 -16.80 -12.75 -20.12
N PHE A 97 -16.94 -11.97 -21.21
CA PHE A 97 -17.53 -10.65 -21.15
C PHE A 97 -19.05 -10.74 -21.00
N ALA A 98 -19.59 -10.15 -19.93
CA ALA A 98 -21.03 -10.09 -19.72
C ALA A 98 -21.63 -8.74 -20.10
N GLY A 99 -20.80 -7.72 -20.29
CA GLY A 99 -21.22 -6.36 -20.53
C GLY A 99 -20.32 -5.43 -19.75
N LYS A 100 -20.43 -4.14 -20.06
CA LYS A 100 -19.60 -3.14 -19.40
C LYS A 100 -19.72 -3.24 -17.88
N PRO A 101 -18.61 -3.20 -17.13
CA PRO A 101 -18.64 -3.45 -15.70
C PRO A 101 -18.81 -2.18 -14.86
N TYR A 102 -19.48 -2.34 -13.73
CA TYR A 102 -19.46 -1.34 -12.67
C TYR A 102 -18.14 -1.50 -11.91
N VAL A 103 -17.38 -0.42 -11.80
CA VAL A 103 -16.01 -0.50 -11.30
C VAL A 103 -15.88 0.34 -10.03
N MET A 104 -15.52 -0.32 -8.93
CA MET A 104 -15.07 0.36 -7.71
C MET A 104 -13.56 0.51 -7.75
N VAL A 105 -13.08 1.74 -7.54
CA VAL A 105 -11.64 2.02 -7.58
C VAL A 105 -11.20 2.47 -6.20
N CYS A 106 -10.14 1.84 -5.71
CA CYS A 106 -9.58 2.22 -4.43
C CYS A 106 -8.71 3.47 -4.60
N VAL A 107 -8.91 4.45 -3.72
CA VAL A 107 -8.13 5.70 -3.81
C VAL A 107 -7.54 6.02 -2.44
N PRO A 108 -6.41 6.72 -2.37
CA PRO A 108 -5.84 7.05 -1.04
C PRO A 108 -6.79 7.95 -0.27
N TYR A 109 -6.57 8.02 1.05
CA TYR A 109 -7.48 8.77 1.91
C TYR A 109 -7.45 10.26 1.60
N GLY A 110 -6.26 10.82 1.41
CA GLY A 110 -6.19 12.27 1.28
C GLY A 110 -6.81 12.85 0.02
N ILE A 111 -7.19 12.00 -0.94
CA ILE A 111 -7.51 12.46 -2.28
C ILE A 111 -8.60 13.55 -2.25
N THR A 112 -8.51 14.47 -3.20
CA THR A 112 -9.41 15.60 -3.32
C THR A 112 -10.56 15.26 -4.27
N ALA A 113 -11.57 16.14 -4.28
CA ALA A 113 -12.76 15.89 -5.09
C ALA A 113 -12.47 16.02 -6.59
N VAL A 114 -11.70 17.04 -7.02
CA VAL A 114 -11.37 17.14 -8.44
C VAL A 114 -10.56 15.92 -8.88
N GLU A 115 -9.68 15.42 -7.99
CA GLU A 115 -8.97 14.19 -8.27
C GLU A 115 -9.91 12.99 -8.32
N GLU A 116 -10.89 12.93 -7.42
CA GLU A 116 -11.80 11.78 -7.42
C GLU A 116 -12.62 11.74 -8.70
N ARG A 117 -12.96 12.90 -9.26
CA ARG A 117 -13.72 12.92 -10.51
C ARG A 117 -12.83 12.60 -11.69
N ALA A 118 -11.55 12.96 -11.58
CA ALA A 118 -10.57 12.55 -12.57
C ALA A 118 -10.48 11.03 -12.65
N VAL A 119 -10.36 10.38 -11.48
CA VAL A 119 -10.25 8.92 -11.47
C VAL A 119 -11.52 8.29 -12.03
N ILE A 120 -12.68 8.77 -11.58
CA ILE A 120 -13.95 8.22 -12.04
C ILE A 120 -14.05 8.33 -13.56
N ASP A 121 -13.72 9.50 -14.11
CA ASP A 121 -13.86 9.73 -15.55
C ASP A 121 -12.87 8.90 -16.36
N ALA A 122 -11.64 8.70 -15.87
CA ALA A 122 -10.68 7.85 -16.57
C ALA A 122 -11.13 6.39 -16.56
N THR A 123 -11.73 5.95 -15.45
CA THR A 123 -12.24 4.59 -15.35
C THR A 123 -13.43 4.39 -16.28
N ARG A 124 -14.31 5.37 -16.39
CA ARG A 124 -15.36 5.32 -17.39
C ARG A 124 -14.77 5.25 -18.80
N GLN A 125 -13.84 6.15 -19.09
CA GLN A 125 -13.13 6.11 -20.37
C GLN A 125 -12.58 4.72 -20.65
N ALA A 126 -12.10 4.03 -19.61
CA ALA A 126 -11.45 2.73 -19.74
C ALA A 126 -12.42 1.58 -19.95
N GLY A 127 -13.70 1.86 -20.22
CA GLY A 127 -14.67 0.81 -20.47
C GLY A 127 -15.62 0.53 -19.33
N ALA A 128 -15.62 1.33 -18.29
CA ALA A 128 -16.55 1.10 -17.20
C ALA A 128 -17.87 1.77 -17.52
N ARG A 129 -18.96 1.05 -17.24
CA ARG A 129 -20.29 1.66 -17.34
C ARG A 129 -20.47 2.78 -16.32
N ASP A 130 -19.98 2.59 -15.09
CA ASP A 130 -19.91 3.67 -14.11
C ASP A 130 -18.86 3.28 -13.10
N ALA A 131 -18.27 4.30 -12.45
CA ALA A 131 -17.17 4.07 -11.53
C ALA A 131 -17.43 4.79 -10.22
N TYR A 132 -16.93 4.20 -9.14
CA TYR A 132 -17.02 4.77 -7.81
C TYR A 132 -15.68 4.59 -7.10
N THR A 133 -15.39 5.49 -6.17
CA THR A 133 -14.15 5.47 -5.41
C THR A 133 -14.41 5.04 -3.97
N ILE A 134 -13.39 4.47 -3.33
CA ILE A 134 -13.42 4.09 -1.93
C ILE A 134 -12.07 4.43 -1.33
N GLU A 135 -12.08 5.02 -0.13
CA GLU A 135 -10.81 5.30 0.54
C GLU A 135 -10.13 3.99 0.94
N GLU A 136 -8.81 3.94 0.68
CA GLU A 136 -7.99 2.77 1.01
C GLU A 136 -8.18 2.25 2.42
N PRO A 137 -8.16 3.08 3.49
CA PRO A 137 -8.39 2.51 4.83
C PRO A 137 -9.78 1.92 5.00
N PHE A 138 -10.81 2.52 4.37
CA PHE A 138 -12.13 1.92 4.41
C PHE A 138 -12.11 0.54 3.74
N ALA A 139 -11.52 0.46 2.54
CA ALA A 139 -11.34 -0.83 1.86
C ALA A 139 -10.55 -1.82 2.71
N ALA A 140 -9.47 -1.37 3.35
CA ALA A 140 -8.71 -2.28 4.20
C ALA A 140 -9.58 -2.82 5.32
N ALA A 141 -10.43 -1.97 5.90
CA ALA A 141 -11.25 -2.42 7.02
C ALA A 141 -12.28 -3.44 6.56
N ILE A 142 -12.93 -3.21 5.41
CA ILE A 142 -13.85 -4.20 4.88
C ILE A 142 -13.13 -5.52 4.63
N GLY A 143 -11.95 -5.45 4.00
CA GLY A 143 -11.25 -6.67 3.66
C GLY A 143 -10.78 -7.41 4.90
N ALA A 144 -10.25 -6.68 5.88
CA ALA A 144 -9.87 -7.22 7.18
C ALA A 144 -11.04 -7.69 8.01
N ASN A 145 -12.27 -7.57 7.51
CA ASN A 145 -13.47 -8.08 8.17
C ASN A 145 -13.84 -7.35 9.46
N LEU A 146 -13.47 -6.08 9.59
CA LEU A 146 -13.91 -5.31 10.75
C LEU A 146 -15.42 -5.01 10.63
N PRO A 147 -16.16 -5.02 11.76
CA PRO A 147 -17.61 -4.71 11.69
C PRO A 147 -17.90 -3.27 11.29
N VAL A 148 -17.62 -2.94 10.02
CA VAL A 148 -17.66 -1.56 9.56
C VAL A 148 -19.07 -0.99 9.49
N TRP A 149 -20.10 -1.82 9.37
CA TRP A 149 -21.47 -1.32 9.28
C TRP A 149 -22.15 -1.18 10.64
N GLU A 150 -21.63 -1.81 11.68
CA GLU A 150 -22.19 -1.73 13.02
C GLU A 150 -21.95 -0.34 13.61
N PRO A 151 -22.79 0.08 14.62
CA PRO A 151 -22.59 1.35 15.33
C PRO A 151 -21.56 1.27 16.46
N THR A 152 -20.39 0.75 16.13
CA THR A 152 -19.30 0.57 17.07
C THR A 152 -18.04 1.11 16.42
N GLY A 153 -16.99 1.28 17.21
CA GLY A 153 -15.74 1.82 16.70
C GLY A 153 -14.80 0.71 16.27
N SER A 154 -14.33 0.79 15.02
CA SER A 154 -13.24 -0.06 14.54
C SER A 154 -12.11 0.82 14.02
N MET A 155 -10.89 0.30 14.16
CA MET A 155 -9.67 0.99 13.78
C MET A 155 -8.80 0.12 12.88
N VAL A 156 -8.33 0.70 11.79
CA VAL A 156 -7.44 0.01 10.87
C VAL A 156 -6.23 0.89 10.64
N VAL A 157 -5.04 0.29 10.55
CA VAL A 157 -3.83 0.97 10.11
C VAL A 157 -3.34 0.27 8.84
N ASP A 158 -3.46 0.92 7.69
CA ASP A 158 -2.96 0.36 6.44
C ASP A 158 -1.62 0.98 6.11
N ILE A 159 -0.60 0.14 6.01
CA ILE A 159 0.77 0.60 5.76
C ILE A 159 1.20 0.06 4.40
N GLY A 160 1.35 0.94 3.43
CA GLY A 160 1.78 0.57 2.11
C GLY A 160 3.25 0.86 1.88
N GLY A 161 3.59 1.15 0.63
CA GLY A 161 4.91 1.60 0.30
C GLY A 161 5.02 3.10 0.41
N GLY A 162 4.04 3.81 -0.11
CA GLY A 162 4.15 5.26 -0.10
C GLY A 162 3.50 5.94 1.09
N THR A 163 2.46 5.33 1.67
CA THR A 163 1.70 6.03 2.69
C THR A 163 1.23 5.10 3.77
N THR A 164 1.09 5.64 4.98
CA THR A 164 0.47 4.98 6.11
C THR A 164 -0.84 5.69 6.43
N GLU A 165 -1.97 5.01 6.23
CA GLU A 165 -3.29 5.61 6.43
C GLU A 165 -3.94 4.98 7.64
N VAL A 166 -4.34 5.81 8.61
CA VAL A 166 -5.05 5.35 9.82
C VAL A 166 -6.49 5.84 9.77
N ALA A 167 -7.43 4.99 10.18
CA ALA A 167 -8.80 5.45 10.22
C ALA A 167 -9.63 4.72 11.26
N VAL A 168 -10.51 5.46 11.92
CA VAL A 168 -11.55 4.91 12.79
C VAL A 168 -12.84 4.89 11.99
N ILE A 169 -13.51 3.75 11.98
CA ILE A 169 -14.71 3.54 11.18
C ILE A 169 -15.88 3.28 12.12
N SER A 170 -17.06 3.75 11.74
CA SER A 170 -18.30 3.36 12.41
C SER A 170 -19.46 3.61 11.46
N LEU A 171 -20.35 2.63 11.34
CA LEU A 171 -21.58 2.76 10.55
C LEU A 171 -21.32 3.11 9.08
N GLY A 172 -20.45 2.34 8.41
CA GLY A 172 -20.21 2.53 7.00
C GLY A 172 -19.48 3.81 6.62
N GLY A 173 -18.93 4.56 7.58
CA GLY A 173 -18.18 5.75 7.26
C GLY A 173 -16.94 5.90 8.14
N ILE A 174 -16.01 6.71 7.62
CA ILE A 174 -14.82 7.09 8.37
C ILE A 174 -15.18 8.19 9.37
N VAL A 175 -15.12 7.85 10.67
CA VAL A 175 -15.32 8.86 11.71
C VAL A 175 -14.16 9.85 11.73
N THR A 176 -12.93 9.33 11.75
CA THR A 176 -11.73 10.17 11.74
C THR A 176 -10.60 9.38 11.07
N SER A 177 -9.62 10.10 10.54
CA SER A 177 -8.69 9.49 9.61
C SER A 177 -7.50 10.40 9.40
N GLN A 178 -6.33 9.79 9.22
CA GLN A 178 -5.11 10.53 9.07
C GLN A 178 -4.17 9.75 8.14
N SER A 179 -3.53 10.47 7.23
CA SER A 179 -2.60 9.85 6.30
C SER A 179 -1.23 10.50 6.42
N ILE A 180 -0.19 9.69 6.46
CA ILE A 180 1.18 10.19 6.48
C ILE A 180 2.01 9.50 5.39
N ARG A 181 2.96 10.24 4.84
CA ARG A 181 3.89 9.73 3.81
C ARG A 181 5.10 9.09 4.46
N ILE A 182 4.85 8.24 5.45
CA ILE A 182 5.89 7.48 6.15
C ILE A 182 5.39 6.04 6.24
N ALA A 183 6.01 5.15 5.47
CA ALA A 183 5.59 3.76 5.29
C ALA A 183 6.69 2.87 4.72
N GLY A 184 6.34 1.94 3.84
CA GLY A 184 7.31 0.93 3.37
C GLY A 184 8.57 1.52 2.76
N ASP A 185 8.41 2.45 1.82
CA ASP A 185 9.55 3.05 1.12
C ASP A 185 10.46 3.83 2.07
N GLU A 186 9.85 4.58 3.00
CA GLU A 186 10.60 5.39 3.97
C GLU A 186 11.42 4.53 4.94
N MET A 187 10.93 3.32 5.29
CA MET A 187 11.76 2.40 6.06
C MET A 187 13.00 2.01 5.25
N ASP A 188 12.83 1.66 3.97
CA ASP A 188 13.99 1.39 3.12
C ASP A 188 14.95 2.55 3.15
N GLU A 189 14.43 3.77 2.95
CA GLU A 189 15.32 4.93 2.87
C GLU A 189 16.01 5.19 4.20
N ALA A 190 15.37 4.86 5.33
CA ALA A 190 16.06 5.05 6.61
C ALA A 190 17.23 4.10 6.73
N ILE A 191 17.04 2.86 6.27
CA ILE A 191 18.14 1.90 6.21
C ILE A 191 19.28 2.43 5.36
N ILE A 192 18.99 2.98 4.18
CA ILE A 192 20.05 3.50 3.30
C ILE A 192 20.84 4.60 4.01
N GLN A 193 20.14 5.52 4.69
CA GLN A 193 20.84 6.64 5.30
C GLN A 193 21.57 6.24 6.55
N TYR A 194 21.08 5.23 7.27
CA TYR A 194 21.83 4.72 8.40
C TYR A 194 23.14 4.10 7.93
N ILE A 195 23.07 3.25 6.92
CA ILE A 195 24.32 2.63 6.46
C ILE A 195 25.27 3.68 5.90
N ARG A 196 24.73 4.69 5.21
CA ARG A 196 25.61 5.76 4.74
C ARG A 196 26.28 6.49 5.89
N LYS A 197 25.54 6.76 6.97
CA LYS A 197 26.15 7.48 8.07
C LYS A 197 27.08 6.57 8.88
N SER A 198 26.71 5.31 9.12
CA SER A 198 27.48 4.44 10.01
C SER A 198 28.73 3.86 9.35
N TYR A 199 28.65 3.54 8.07
CA TYR A 199 29.75 2.84 7.43
C TYR A 199 30.28 3.56 6.21
N ASN A 200 29.74 4.73 5.87
CA ASN A 200 30.15 5.46 4.68
C ASN A 200 29.97 4.61 3.42
N LEU A 201 29.03 3.67 3.47
CA LEU A 201 28.66 2.82 2.34
C LEU A 201 27.30 3.24 1.80
N MET A 202 27.17 3.27 0.48
CA MET A 202 25.94 3.65 -0.22
C MET A 202 25.37 2.40 -0.87
N ILE A 203 24.19 1.98 -0.40
CA ILE A 203 23.47 0.85 -0.96
C ILE A 203 22.33 1.38 -1.82
N GLY A 204 21.95 0.59 -2.83
CA GLY A 204 20.78 0.89 -3.61
C GLY A 204 19.51 0.43 -2.92
N GLU A 205 18.39 0.58 -3.63
CA GLU A 205 17.09 0.30 -3.04
C GLU A 205 16.78 -1.19 -2.96
N ARG A 206 17.25 -1.99 -3.93
CA ARG A 206 17.03 -3.43 -3.89
C ARG A 206 17.63 -4.06 -2.64
N THR A 207 18.83 -3.61 -2.28
CA THR A 207 19.48 -4.11 -1.06
C THR A 207 18.79 -3.57 0.18
N ALA A 208 18.35 -2.30 0.16
CA ALA A 208 17.60 -1.76 1.30
C ALA A 208 16.29 -2.53 1.49
N GLU A 209 15.63 -2.90 0.40
CA GLU A 209 14.39 -3.67 0.53
C GLU A 209 14.67 -5.06 1.10
N ALA A 210 15.68 -5.75 0.58
CA ALA A 210 16.02 -7.09 1.05
C ALA A 210 16.42 -7.09 2.52
N ILE A 211 17.17 -6.08 2.96
CA ILE A 211 17.48 -5.94 4.39
C ILE A 211 16.20 -5.81 5.21
N LYS A 212 15.31 -4.92 4.79
CA LYS A 212 14.11 -4.73 5.62
C LYS A 212 13.36 -6.04 5.76
N MET A 213 13.11 -6.72 4.64
CA MET A 213 12.37 -7.98 4.65
C MET A 213 13.08 -9.04 5.47
N GLU A 214 14.38 -9.25 5.21
CA GLU A 214 15.12 -10.38 5.77
C GLU A 214 15.41 -10.22 7.26
N ILE A 215 15.79 -9.02 7.71
CA ILE A 215 16.16 -8.82 9.10
C ILE A 215 15.55 -7.57 9.71
N GLY A 216 14.71 -6.83 8.97
CA GLY A 216 14.10 -5.65 9.52
C GLY A 216 13.17 -5.97 10.67
N SER A 217 13.02 -5.00 11.57
CA SER A 217 12.20 -5.14 12.76
C SER A 217 11.86 -3.76 13.27
N ALA A 218 10.70 -3.64 13.93
CA ALA A 218 10.31 -2.42 14.63
C ALA A 218 10.82 -2.36 16.07
N GLY A 219 11.41 -3.45 16.56
CA GLY A 219 11.95 -3.51 17.90
C GLY A 219 12.10 -4.97 18.28
N ASN A 220 12.68 -5.20 19.46
CA ASN A 220 13.04 -6.55 19.93
C ASN A 220 13.76 -7.37 18.87
N PRO A 221 14.81 -6.85 18.24
CA PRO A 221 15.46 -7.56 17.15
C PRO A 221 16.24 -8.81 17.56
N GLU A 222 16.11 -9.27 18.80
CA GLU A 222 16.93 -10.39 19.25
C GLU A 222 16.61 -11.66 18.46
N GLY A 223 17.65 -12.30 17.93
CA GLY A 223 17.51 -13.56 17.23
C GLY A 223 17.14 -13.46 15.77
N ILE A 224 16.93 -12.24 15.26
CA ILE A 224 16.51 -12.06 13.88
C ILE A 224 17.66 -12.38 12.89
N GLY A 225 18.87 -11.90 13.18
CA GLY A 225 20.05 -12.33 12.45
C GLY A 225 20.86 -11.18 11.91
N ASN A 226 21.98 -11.55 11.29
CA ASN A 226 22.85 -10.63 10.58
C ASN A 226 22.79 -10.91 9.08
N MET A 227 23.32 -9.96 8.32
CA MET A 227 23.20 -10.01 6.88
C MET A 227 24.43 -9.39 6.26
N GLU A 228 24.90 -10.02 5.20
CA GLU A 228 26.00 -9.48 4.42
C GLU A 228 25.43 -8.67 3.28
N ILE A 229 25.95 -7.46 3.09
CA ILE A 229 25.41 -6.53 2.09
C ILE A 229 26.57 -5.86 1.37
N ARG A 230 26.26 -5.37 0.17
CA ARG A 230 27.26 -4.78 -0.71
C ARG A 230 26.75 -3.43 -1.20
N GLY A 231 27.62 -2.46 -1.26
CA GLY A 231 27.28 -1.16 -1.75
C GLY A 231 28.53 -0.45 -2.18
N ARG A 232 28.42 0.85 -2.40
CA ARG A 232 29.52 1.65 -2.93
C ARG A 232 30.22 2.39 -1.79
N ASP A 233 31.51 2.12 -1.61
CA ASP A 233 32.27 2.85 -0.61
C ASP A 233 32.41 4.30 -1.05
N LEU A 234 32.04 5.25 -0.18
CA LEU A 234 31.92 6.64 -0.58
C LEU A 234 33.25 7.39 -0.61
N LEU A 235 34.29 6.85 0.02
CA LEU A 235 35.64 7.40 -0.17
C LEU A 235 36.22 7.01 -1.53
N THR A 236 36.25 5.70 -1.81
CA THR A 236 36.92 5.16 -3.00
C THR A 236 36.03 5.06 -4.24
N GLY A 237 34.70 4.98 -4.08
CA GLY A 237 33.83 4.70 -5.21
C GLY A 237 33.76 3.26 -5.68
N LEU A 238 34.46 2.31 -4.94
CA LEU A 238 34.61 0.89 -5.25
C LEU A 238 33.64 0.06 -4.42
N PRO A 239 33.16 -1.07 -4.94
CA PRO A 239 32.24 -1.92 -4.17
C PRO A 239 32.91 -2.47 -2.93
N LYS A 240 32.10 -2.61 -1.87
CA LYS A 240 32.58 -3.05 -0.57
C LYS A 240 31.50 -3.92 0.07
N THR A 241 31.92 -4.91 0.86
CA THR A 241 30.99 -5.80 1.55
C THR A 241 31.13 -5.65 3.06
N ILE A 242 29.99 -5.54 3.76
CA ILE A 242 29.98 -5.46 5.23
C ILE A 242 28.89 -6.36 5.78
N GLU A 243 28.96 -6.57 7.09
CA GLU A 243 27.94 -7.30 7.83
C GLU A 243 27.10 -6.33 8.66
N ILE A 244 25.77 -6.42 8.49
CA ILE A 244 24.78 -5.57 9.18
C ILE A 244 23.95 -6.45 10.10
N SER A 245 23.53 -5.90 11.23
CA SER A 245 22.84 -6.66 12.25
C SER A 245 21.40 -6.20 12.42
N ALA A 246 20.55 -7.14 12.85
CA ALA A 246 19.15 -6.82 13.11
C ALA A 246 19.00 -5.66 14.09
N GLU A 247 19.90 -5.57 15.08
CA GLU A 247 19.82 -4.48 16.05
C GLU A 247 19.98 -3.14 15.37
N GLU A 248 21.01 -3.00 14.52
CA GLU A 248 21.24 -1.77 13.78
C GLU A 248 20.05 -1.38 12.92
N VAL A 249 19.37 -2.36 12.31
CA VAL A 249 18.21 -2.04 11.46
C VAL A 249 17.05 -1.61 12.32
N ALA A 250 16.90 -2.16 13.53
CA ALA A 250 15.88 -1.66 14.45
C ALA A 250 16.12 -0.19 14.77
N GLU A 251 17.35 0.16 15.15
CA GLU A 251 17.70 1.57 15.38
C GLU A 251 17.53 2.43 14.14
N ALA A 252 17.84 1.88 12.96
CA ALA A 252 17.69 2.66 11.73
C ALA A 252 16.22 2.96 11.42
N LEU A 253 15.32 2.05 11.79
CA LEU A 253 13.89 2.23 11.59
C LEU A 253 13.19 2.91 12.77
N ARG A 254 13.93 3.32 13.81
CA ARG A 254 13.29 3.81 15.03
C ARG A 254 12.33 4.96 14.75
N ASP A 255 12.82 6.02 14.12
CA ASP A 255 12.01 7.22 13.91
C ASP A 255 10.83 6.95 12.97
N THR A 256 11.05 6.13 11.95
CA THR A 256 9.95 5.73 11.08
C THR A 256 8.82 5.11 11.87
N VAL A 257 9.17 4.18 12.76
CA VAL A 257 8.17 3.51 13.57
C VAL A 257 7.51 4.51 14.51
N TYR A 258 8.32 5.38 15.12
CA TYR A 258 7.79 6.36 16.06
C TYR A 258 6.74 7.26 15.39
N ALA A 259 6.95 7.63 14.14
CA ALA A 259 5.93 8.40 13.44
C ALA A 259 4.69 7.56 13.18
N ILE A 260 4.84 6.30 12.79
CA ILE A 260 3.63 5.51 12.59
C ILE A 260 2.85 5.40 13.91
N VAL A 261 3.56 5.27 15.03
CA VAL A 261 2.91 5.23 16.33
C VAL A 261 2.17 6.54 16.60
N GLU A 262 2.81 7.66 16.28
CA GLU A 262 2.20 8.96 16.60
C GLU A 262 0.93 9.19 15.80
N SER A 263 0.88 8.76 14.54
CA SER A 263 -0.36 8.93 13.80
C SER A 263 -1.46 8.02 14.34
N VAL A 264 -1.10 6.84 14.86
CA VAL A 264 -2.14 6.02 15.51
C VAL A 264 -2.67 6.74 16.76
N LYS A 265 -1.77 7.37 17.53
CA LYS A 265 -2.19 8.08 18.74
C LYS A 265 -3.00 9.31 18.40
N ASN A 266 -2.50 10.12 17.45
CA ASN A 266 -3.23 11.32 17.03
C ASN A 266 -4.63 10.99 16.55
N THR A 267 -4.82 9.83 15.88
CA THR A 267 -6.15 9.49 15.40
C THR A 267 -7.08 9.11 16.56
N LEU A 268 -6.57 8.35 17.55
CA LEU A 268 -7.37 8.06 18.73
C LEU A 268 -7.75 9.33 19.46
N GLU A 269 -6.83 10.31 19.49
CA GLU A 269 -7.07 11.54 20.22
C GLU A 269 -8.16 12.39 19.59
N LYS A 270 -8.48 12.17 18.32
CA LYS A 270 -9.59 12.85 17.64
C LYS A 270 -10.81 11.94 17.48
N THR A 271 -10.84 10.81 18.18
CA THR A 271 -11.92 9.83 18.19
C THR A 271 -12.90 10.12 19.33
N PRO A 272 -14.21 10.01 19.08
CA PRO A 272 -15.16 10.20 20.17
C PRO A 272 -14.93 9.17 21.27
N PRO A 273 -15.16 9.55 22.53
CA PRO A 273 -14.76 8.67 23.64
C PRO A 273 -15.40 7.29 23.63
N GLU A 274 -16.64 7.15 23.14
CA GLU A 274 -17.26 5.82 23.10
C GLU A 274 -16.63 4.94 22.01
N LEU A 275 -16.40 5.50 20.82
CA LEU A 275 -15.73 4.70 19.79
C LEU A 275 -14.30 4.39 20.20
N ALA A 276 -13.60 5.35 20.82
CA ALA A 276 -12.30 5.03 21.42
C ALA A 276 -12.42 3.86 22.39
N ALA A 277 -13.54 3.78 23.14
CA ALA A 277 -13.73 2.67 24.07
C ALA A 277 -13.88 1.33 23.36
N ASP A 278 -14.62 1.31 22.23
CA ASP A 278 -14.81 0.06 21.49
C ASP A 278 -13.51 -0.42 20.83
N ILE A 279 -12.75 0.49 20.23
CA ILE A 279 -11.47 0.10 19.63
C ILE A 279 -10.55 -0.48 20.70
N MET A 280 -10.59 0.09 21.91
CA MET A 280 -9.73 -0.42 22.96
C MET A 280 -10.13 -1.83 23.37
N ASP A 281 -11.41 -2.18 23.25
CA ASP A 281 -11.82 -3.56 23.51
C ASP A 281 -11.53 -4.50 22.33
N ARG A 282 -11.76 -4.05 21.10
CA ARG A 282 -11.60 -4.90 19.93
C ARG A 282 -10.18 -4.94 19.38
N GLY A 283 -9.42 -3.86 19.52
CA GLY A 283 -8.05 -3.82 19.05
C GLY A 283 -7.91 -3.13 17.70
N ILE A 284 -6.65 -2.78 17.38
CA ILE A 284 -6.29 -2.14 16.11
C ILE A 284 -5.83 -3.22 15.13
N VAL A 285 -6.22 -3.09 13.87
CA VAL A 285 -5.90 -4.07 12.83
C VAL A 285 -4.93 -3.42 11.86
N LEU A 286 -3.78 -4.06 11.64
CA LEU A 286 -2.76 -3.60 10.71
C LEU A 286 -2.88 -4.32 9.37
N THR A 287 -2.93 -3.56 8.29
CA THR A 287 -2.96 -4.11 6.94
C THR A 287 -1.83 -3.51 6.10
N GLY A 288 -1.70 -4.03 4.89
CA GLY A 288 -0.68 -3.61 3.96
C GLY A 288 0.62 -4.38 4.17
N GLY A 289 1.48 -4.33 3.14
CA GLY A 289 2.77 -4.99 3.24
C GLY A 289 3.67 -4.41 4.30
N GLY A 290 3.59 -3.09 4.52
CA GLY A 290 4.39 -2.46 5.54
C GLY A 290 4.11 -2.96 6.94
N ALA A 291 2.90 -3.49 7.18
CA ALA A 291 2.57 -4.03 8.50
C ALA A 291 3.29 -5.34 8.80
N LEU A 292 4.02 -5.89 7.83
CA LEU A 292 4.74 -7.13 8.04
C LEU A 292 6.11 -6.90 8.66
N LEU A 293 6.46 -5.64 8.92
CA LEU A 293 7.71 -5.36 9.61
C LEU A 293 7.70 -6.06 10.98
N ARG A 294 8.76 -6.79 11.26
CA ARG A 294 8.79 -7.65 12.44
C ARG A 294 8.48 -6.86 13.70
N ASN A 295 7.45 -7.31 14.42
CA ASN A 295 7.07 -6.77 15.73
C ASN A 295 6.48 -5.38 15.69
N LEU A 296 6.00 -4.90 14.54
CA LEU A 296 5.38 -3.59 14.55
C LEU A 296 4.10 -3.65 15.36
N ASP A 297 3.37 -4.77 15.26
CA ASP A 297 2.16 -4.93 16.06
C ASP A 297 2.46 -4.84 17.55
N LYS A 298 3.48 -5.56 18.02
CA LYS A 298 3.81 -5.48 19.45
C LYS A 298 4.27 -4.09 19.85
N VAL A 299 5.04 -3.42 18.99
CA VAL A 299 5.52 -2.08 19.34
C VAL A 299 4.34 -1.12 19.42
N ILE A 300 3.43 -1.19 18.46
CA ILE A 300 2.29 -0.28 18.47
C ILE A 300 1.38 -0.59 19.66
N SER A 301 1.20 -1.87 19.96
CA SER A 301 0.41 -2.25 21.13
C SER A 301 1.07 -1.74 22.42
N GLN A 302 2.39 -1.90 22.55
CA GLN A 302 3.06 -1.43 23.76
C GLN A 302 2.83 0.05 23.99
N GLU A 303 2.78 0.83 22.91
CA GLU A 303 2.84 2.29 23.02
C GLU A 303 1.47 2.93 23.12
N THR A 304 0.44 2.24 22.63
CA THR A 304 -0.92 2.69 22.69
C THR A 304 -1.71 2.04 23.81
N ASP A 305 -1.16 0.99 24.45
CA ASP A 305 -1.84 0.32 25.55
C ASP A 305 -3.15 -0.30 25.06
N MET A 306 -3.10 -0.86 23.85
CA MET A 306 -4.26 -1.36 23.13
C MET A 306 -3.87 -2.63 22.37
N PRO A 307 -4.79 -3.58 22.23
CA PRO A 307 -4.50 -4.76 21.42
C PRO A 307 -4.27 -4.36 19.97
N VAL A 308 -3.21 -4.89 19.36
CA VAL A 308 -2.94 -4.70 17.94
C VAL A 308 -2.77 -6.08 17.33
N ILE A 309 -3.38 -6.29 16.15
CA ILE A 309 -3.24 -7.53 15.41
C ILE A 309 -2.99 -7.23 13.95
N VAL A 310 -2.22 -8.11 13.30
CA VAL A 310 -2.02 -8.07 11.85
C VAL A 310 -3.11 -8.90 11.18
N ALA A 311 -3.75 -8.32 10.17
CA ALA A 311 -4.85 -8.97 9.45
C ALA A 311 -4.39 -10.27 8.86
N GLU A 312 -5.37 -11.11 8.50
CA GLU A 312 -5.06 -12.48 8.09
C GLU A 312 -4.43 -12.52 6.70
N ASN A 313 -4.88 -11.66 5.80
CA ASN A 313 -4.36 -11.62 4.44
C ASN A 313 -3.93 -10.20 4.12
N PRO A 314 -2.86 -9.72 4.77
CA PRO A 314 -2.62 -8.26 4.82
C PRO A 314 -2.41 -7.63 3.46
N LEU A 315 -2.02 -8.40 2.46
CA LEU A 315 -1.76 -7.82 1.16
C LEU A 315 -3.02 -7.73 0.29
N ASP A 316 -3.94 -8.68 0.43
CA ASP A 316 -5.17 -8.70 -0.37
C ASP A 316 -6.34 -8.01 0.31
N CYS A 317 -6.17 -7.56 1.56
CA CYS A 317 -7.24 -6.89 2.28
C CYS A 317 -7.90 -5.81 1.46
N VAL A 318 -7.09 -4.90 0.95
CA VAL A 318 -7.64 -3.73 0.27
C VAL A 318 -8.39 -4.15 -0.99
N ALA A 319 -7.86 -5.11 -1.73
CA ALA A 319 -8.53 -5.53 -2.95
C ALA A 319 -9.81 -6.26 -2.63
N ILE A 320 -9.78 -7.07 -1.57
CA ILE A 320 -10.96 -7.82 -1.15
C ILE A 320 -12.01 -6.87 -0.59
N GLY A 321 -11.60 -5.89 0.24
CA GLY A 321 -12.52 -4.86 0.67
C GLY A 321 -13.12 -4.09 -0.49
N THR A 322 -12.30 -3.74 -1.48
CA THR A 322 -12.77 -3.03 -2.66
C THR A 322 -13.76 -3.87 -3.46
N GLY A 323 -13.55 -5.18 -3.52
CA GLY A 323 -14.55 -6.03 -4.13
C GLY A 323 -15.83 -6.09 -3.32
N LYS A 324 -15.71 -6.22 -1.99
CA LYS A 324 -16.88 -6.40 -1.14
C LYS A 324 -17.74 -5.14 -1.12
N ALA A 325 -17.11 -3.97 -1.22
CA ALA A 325 -17.86 -2.73 -1.25
C ALA A 325 -18.85 -2.67 -2.42
N LEU A 326 -18.74 -3.58 -3.39
CA LEU A 326 -19.69 -3.63 -4.48
C LEU A 326 -21.06 -4.14 -4.02
N ASP A 327 -21.11 -4.85 -2.89
CA ASP A 327 -22.38 -5.25 -2.30
C ASP A 327 -23.06 -4.12 -1.54
N HIS A 328 -22.47 -2.92 -1.52
CA HIS A 328 -23.04 -1.72 -0.92
C HIS A 328 -22.84 -0.54 -1.83
N ILE A 329 -22.98 -0.73 -3.15
CA ILE A 329 -22.76 0.33 -4.14
C ILE A 329 -23.57 1.58 -3.81
N ASP A 330 -24.74 1.39 -3.19
CA ASP A 330 -25.60 2.48 -2.76
C ASP A 330 -24.84 3.59 -2.03
N LEU A 331 -24.06 3.22 -1.00
CA LEU A 331 -23.35 4.20 -0.20
C LEU A 331 -22.38 5.01 -1.05
N PHE A 332 -21.55 4.34 -1.85
CA PHE A 332 -20.55 5.00 -2.67
C PHE A 332 -21.16 5.72 -3.86
N LYS A 333 -22.41 5.41 -4.24
CA LYS A 333 -23.04 6.01 -5.40
C LYS A 333 -23.80 7.30 -5.01
PB ADP B . 0.67 -0.53 -1.61
O1B ADP B . 1.43 0.75 -1.94
O2B ADP B . -0.49 -0.19 -0.66
O3B ADP B . 0.32 -1.42 -2.78
PA ADP B . 1.60 -2.95 -0.41
O1A ADP B . 1.53 -3.72 -1.70
O2A ADP B . 0.53 -3.13 0.65
O3A ADP B . 1.75 -1.39 -0.76
O5' ADP B . 3.05 -3.22 0.28
C5' ADP B . 4.28 -2.77 -0.32
C4' ADP B . 5.25 -2.43 0.80
O4' ADP B . 5.31 -3.56 1.68
C3' ADP B . 6.69 -2.17 0.38
O3' ADP B . 7.12 -1.01 1.07
C2' ADP B . 7.52 -3.32 0.94
O2' ADP B . 8.79 -2.90 1.40
C1' ADP B . 6.66 -3.74 2.10
N9 ADP B . 6.83 -5.15 2.51
C8 ADP B . 6.39 -6.23 1.84
N7 ADP B . 6.70 -7.37 2.53
C5 ADP B . 7.34 -6.99 3.65
C6 ADP B . 7.93 -7.68 4.80
N6 ADP B . 7.91 -9.03 4.87
N1 ADP B . 8.49 -6.91 5.77
C2 ADP B . 8.52 -5.56 5.69
N3 ADP B . 8.00 -4.88 4.67
C4 ADP B . 7.42 -5.53 3.63
#